data_4KAQ
#
_entry.id   4KAQ
#
_cell.length_a   60.650
_cell.length_b   93.930
_cell.length_c   144.390
_cell.angle_alpha   90.00
_cell.angle_beta   90.00
_cell.angle_gamma   90.00
#
_symmetry.space_group_name_H-M   'C 2 2 21'
#
loop_
_entity.id
_entity.type
_entity.pdbx_description
1 polymer 'Rituximab light chain'
2 polymer 'Rituximab heavy chain'
3 water water
#
loop_
_entity_poly.entity_id
_entity_poly.type
_entity_poly.pdbx_seq_one_letter_code
_entity_poly.pdbx_strand_id
1 'polypeptide(L)'
;QIVLSQSPAILSASPGEKVTMTCRASSSVSYIHWFQQKPGSSPKPWIYATSNLASGVPVRFSGSGSGTSYSLTISRVEAE
DAATYYCQQWTSNPPTFGGGTKLEIKRTVAAPSVFIFPPSDEQLKSGTASVVCLLNNFYPREAKVQWKVDNALQSGNSQE
SVTEQDSKDSTYSLSSTLTLSKADYEKHKVYACEVTHQGLSSPVTKSFNRGEC
;
L
2 'polypeptide(L)'
;(PCA)VQLQQPGAELVKPGASVKMSCKASGYTFTSYNMHWVKQTPGRGLEWIGAIYPGNGDTSYNQKFKGKATLTADKSS
STAYMQLSSLTSEDSAVYYCARSTYYGGDWYFNVWGAGTTVTVSAASTKGPSVFPLAPSSKSTSGGTAALGCLVKDYFPE
PVTVSWNSGALTSGVHTFPAVLQSSGLYSLSSVVTVPSSSLGTQTYICNVNHKPSNTKVDKKVEPKSC
;
H
#
# COMPACT_ATOMS: atom_id res chain seq x y z
N VAL A 3 -6.85 -2.98 26.67
CA VAL A 3 -5.86 -2.55 25.69
C VAL A 3 -4.75 -3.58 25.51
N LEU A 4 -4.12 -3.58 24.34
CA LEU A 4 -3.16 -4.62 23.98
C LEU A 4 -1.77 -4.04 23.66
N SER A 5 -0.74 -4.83 23.94
CA SER A 5 0.64 -4.43 23.68
C SER A 5 1.42 -5.55 23.02
N GLN A 6 2.05 -5.26 21.89
CA GLN A 6 2.82 -6.28 21.18
C GLN A 6 4.32 -6.00 21.23
N SER A 7 5.12 -7.06 21.11
CA SER A 7 6.57 -6.92 21.13
C SER A 7 7.21 -8.12 20.42
N PRO A 8 8.34 -7.87 19.71
CA PRO A 8 8.93 -6.54 19.53
C PRO A 8 8.21 -5.76 18.45
N ALA A 9 8.44 -4.46 18.38
CA ALA A 9 7.82 -3.63 17.34
C ALA A 9 8.28 -4.09 15.96
N ILE A 10 9.55 -4.48 15.87
CA ILE A 10 10.09 -5.01 14.62
C ILE A 10 10.82 -6.32 14.87
N LEU A 11 10.48 -7.34 14.10
CA LEU A 11 11.12 -8.63 14.21
C LEU A 11 11.88 -8.95 12.93
N SER A 12 13.16 -9.30 13.06
CA SER A 12 14.00 -9.55 11.90
C SER A 12 14.49 -11.00 11.90
N ALA A 13 14.29 -11.70 10.79
CA ALA A 13 14.59 -13.12 10.74
C ALA A 13 14.90 -13.63 9.34
N SER A 14 15.52 -14.80 9.30
CA SER A 14 15.91 -15.43 8.05
C SER A 14 15.16 -16.74 7.88
N PRO A 15 14.91 -17.15 6.63
CA PRO A 15 14.32 -18.47 6.39
C PRO A 15 15.37 -19.56 6.62
N GLY A 16 15.03 -20.58 7.41
CA GLY A 16 13.73 -20.65 8.08
C GLY A 16 13.88 -20.68 9.58
N GLU A 17 14.24 -19.54 10.17
CA GLU A 17 14.36 -19.42 11.61
C GLU A 17 13.00 -19.58 12.28
N LYS A 18 13.02 -19.85 13.58
CA LYS A 18 11.80 -19.91 14.37
C LYS A 18 11.61 -18.59 15.10
N VAL A 19 10.47 -17.95 14.88
CA VAL A 19 10.22 -16.68 15.53
C VAL A 19 8.93 -16.68 16.34
N THR A 20 8.91 -15.85 17.37
CA THR A 20 7.71 -15.70 18.19
C THR A 20 7.48 -14.22 18.47
N MET A 21 6.21 -13.85 18.58
CA MET A 21 5.84 -12.47 18.89
C MET A 21 4.74 -12.49 19.93
N THR A 22 4.79 -11.56 20.87
CA THR A 22 3.88 -11.60 22.01
C THR A 22 2.79 -10.52 21.95
N CYS A 23 1.69 -10.79 22.64
CA CYS A 23 0.61 -9.83 22.78
C CYS A 23 0.14 -9.83 24.23
N ARG A 24 0.41 -8.73 24.93
CA ARG A 24 0.02 -8.62 26.33
C ARG A 24 -1.19 -7.72 26.49
N ALA A 25 -2.12 -8.15 27.33
CA ALA A 25 -3.33 -7.38 27.59
C ALA A 25 -3.27 -6.72 28.95
N SER A 26 -3.98 -5.60 29.10
CA SER A 26 -4.05 -4.90 30.37
C SER A 26 -4.84 -5.72 31.37
N SER A 27 -6.00 -6.20 30.94
CA SER A 27 -6.82 -7.08 31.74
C SER A 27 -6.92 -8.44 31.05
N SER A 28 -7.18 -9.48 31.83
CA SER A 28 -7.27 -10.84 31.29
C SER A 28 -8.37 -10.96 30.24
N VAL A 29 -8.10 -11.72 29.18
CA VAL A 29 -9.07 -11.91 28.11
C VAL A 29 -9.34 -13.40 27.87
N SER A 30 -10.46 -13.70 27.22
CA SER A 30 -10.85 -15.06 26.90
C SER A 30 -10.03 -15.62 25.75
N TYR A 31 -9.78 -14.78 24.75
CA TYR A 31 -9.03 -15.17 23.57
C TYR A 31 -8.24 -13.99 23.01
N ILE A 32 -7.29 -14.30 22.14
CA ILE A 32 -6.65 -13.30 21.32
C ILE A 32 -6.69 -13.75 19.86
N HIS A 33 -7.05 -12.85 18.96
CA HIS A 33 -7.10 -13.16 17.54
C HIS A 33 -5.97 -12.42 16.84
N TRP A 34 -5.34 -13.07 15.87
CA TRP A 34 -4.23 -12.46 15.15
C TRP A 34 -4.59 -12.12 13.71
N PHE A 35 -4.06 -11.01 13.23
CA PHE A 35 -4.29 -10.59 11.85
C PHE A 35 -2.96 -10.34 11.16
N GLN A 36 -2.93 -10.58 9.86
CA GLN A 36 -1.76 -10.27 9.05
C GLN A 36 -2.11 -9.17 8.05
N GLN A 37 -1.28 -8.13 8.00
CA GLN A 37 -1.50 -7.05 7.04
C GLN A 37 -0.22 -6.69 6.30
N LYS A 38 -0.33 -6.58 4.98
CA LYS A 38 0.78 -6.12 4.15
C LYS A 38 0.39 -4.75 3.60
N PRO A 39 1.40 -3.91 3.30
CA PRO A 39 1.14 -2.54 2.86
C PRO A 39 0.19 -2.45 1.67
N GLY A 40 -0.82 -1.59 1.78
CA GLY A 40 -1.74 -1.34 0.68
C GLY A 40 -3.01 -2.17 0.70
N SER A 41 -3.08 -3.15 1.59
CA SER A 41 -4.25 -4.03 1.65
C SER A 41 -4.89 -4.12 3.04
N SER A 42 -6.02 -4.80 3.10
CA SER A 42 -6.77 -4.94 4.35
C SER A 42 -6.17 -6.02 5.23
N PRO A 43 -6.38 -5.91 6.56
CA PRO A 43 -5.93 -6.97 7.47
C PRO A 43 -6.63 -8.28 7.15
N LYS A 44 -5.90 -9.38 7.18
CA LYS A 44 -6.47 -10.70 6.98
C LYS A 44 -6.49 -11.47 8.29
N PRO A 45 -7.63 -12.10 8.60
CA PRO A 45 -7.71 -12.97 9.77
C PRO A 45 -6.67 -14.08 9.65
N TRP A 46 -5.83 -14.24 10.67
CA TRP A 46 -4.73 -15.18 10.57
C TRP A 46 -4.90 -16.32 11.57
N ILE A 47 -5.06 -15.97 12.84
CA ILE A 47 -5.33 -16.94 13.89
C ILE A 47 -6.50 -16.44 14.74
N TYR A 48 -7.52 -17.27 14.89
CA TYR A 48 -8.69 -16.89 15.68
C TYR A 48 -8.89 -17.79 16.89
N ALA A 49 -9.47 -17.23 17.94
CA ALA A 49 -9.67 -17.93 19.21
C ALA A 49 -8.36 -18.51 19.73
N THR A 50 -7.34 -17.65 19.80
CA THR A 50 -6.04 -17.99 20.38
C THR A 50 -5.15 -18.92 19.55
N SER A 51 -5.69 -20.06 19.11
CA SER A 51 -4.85 -21.08 18.48
C SER A 51 -5.39 -21.70 17.19
N ASN A 52 -6.48 -21.17 16.66
CA ASN A 52 -7.06 -21.74 15.45
C ASN A 52 -6.67 -20.98 14.19
N LEU A 53 -6.14 -21.70 13.20
CA LEU A 53 -5.69 -21.08 11.96
C LEU A 53 -6.85 -20.76 11.02
N ALA A 54 -6.80 -19.60 10.40
CA ALA A 54 -7.78 -19.24 9.38
C ALA A 54 -7.56 -20.07 8.13
N SER A 55 -8.57 -20.11 7.26
CA SER A 55 -8.48 -20.91 6.03
C SER A 55 -7.34 -20.44 5.14
N GLY A 56 -6.42 -21.36 4.84
CA GLY A 56 -5.33 -21.06 3.95
C GLY A 56 -4.05 -20.63 4.65
N VAL A 57 -4.07 -20.66 5.98
CA VAL A 57 -2.90 -20.32 6.77
C VAL A 57 -2.03 -21.56 6.97
N PRO A 58 -0.73 -21.44 6.63
CA PRO A 58 0.25 -22.54 6.74
C PRO A 58 0.30 -23.16 8.14
N VAL A 59 0.43 -24.48 8.20
CA VAL A 59 0.60 -25.21 9.46
C VAL A 59 1.77 -24.64 10.27
N ARG A 60 2.69 -24.02 9.54
CA ARG A 60 3.86 -23.32 10.06
C ARG A 60 3.53 -22.32 11.18
N PHE A 61 2.37 -21.69 11.06
CA PHE A 61 1.88 -20.75 12.05
C PHE A 61 1.18 -21.45 13.22
N SER A 62 1.29 -20.85 14.40
CA SER A 62 0.64 -21.35 15.60
C SER A 62 0.44 -20.22 16.60
N GLY A 63 -0.66 -20.28 17.34
CA GLY A 63 -0.93 -19.30 18.38
C GLY A 63 -1.08 -19.97 19.73
N SER A 64 -0.71 -19.24 20.78
CA SER A 64 -0.75 -19.77 22.14
CA SER A 64 -0.76 -19.78 22.14
C SER A 64 -0.97 -18.67 23.16
N GLY A 65 -1.19 -19.06 24.41
CA GLY A 65 -1.35 -18.09 25.49
C GLY A 65 -2.65 -18.24 26.24
N SER A 66 -2.73 -17.56 27.39
CA SER A 66 -3.92 -17.56 28.21
C SER A 66 -3.88 -16.40 29.20
N GLY A 67 -5.02 -16.07 29.77
CA GLY A 67 -5.11 -14.97 30.71
C GLY A 67 -4.82 -13.62 30.08
N THR A 68 -3.61 -13.12 30.30
CA THR A 68 -3.23 -11.79 29.87
C THR A 68 -2.00 -11.79 28.96
N SER A 69 -1.44 -12.98 28.72
CA SER A 69 -0.27 -13.11 27.87
C SER A 69 -0.48 -14.11 26.73
N TYR A 70 -0.28 -13.65 25.50
CA TYR A 70 -0.51 -14.48 24.32
C TYR A 70 0.62 -14.31 23.32
N SER A 71 0.75 -15.27 22.40
CA SER A 71 1.84 -15.21 21.43
C SER A 71 1.50 -15.87 20.10
N LEU A 72 2.18 -15.42 19.06
CA LEU A 72 2.11 -16.04 17.73
C LEU A 72 3.50 -16.55 17.36
N THR A 73 3.57 -17.76 16.84
CA THR A 73 4.85 -18.37 16.53
C THR A 73 4.89 -18.93 15.11
N ILE A 74 5.97 -18.62 14.40
CA ILE A 74 6.21 -19.20 13.09
C ILE A 74 7.36 -20.19 13.20
N SER A 75 7.07 -21.46 12.95
CA SER A 75 8.03 -22.54 13.14
C SER A 75 9.28 -22.37 12.27
N ARG A 76 9.08 -22.24 10.97
CA ARG A 76 10.18 -22.01 10.03
C ARG A 76 9.80 -20.90 9.07
N VAL A 77 10.11 -19.66 9.43
CA VAL A 77 9.67 -18.49 8.68
C VAL A 77 10.04 -18.56 7.19
N GLU A 78 9.18 -17.97 6.36
CA GLU A 78 9.42 -17.93 4.92
C GLU A 78 9.23 -16.52 4.39
N ALA A 79 9.74 -16.26 3.18
CA ALA A 79 9.78 -14.92 2.61
C ALA A 79 8.42 -14.21 2.57
N GLU A 80 7.36 -14.95 2.31
CA GLU A 80 6.03 -14.39 2.16
C GLU A 80 5.44 -13.92 3.50
N ASP A 81 6.10 -14.27 4.60
CA ASP A 81 5.61 -13.94 5.94
C ASP A 81 5.92 -12.49 6.31
N ALA A 82 6.69 -11.80 5.46
CA ALA A 82 7.01 -10.40 5.68
C ALA A 82 5.73 -9.57 5.70
N ALA A 83 5.34 -9.13 6.90
CA ALA A 83 4.13 -8.34 7.08
C ALA A 83 4.07 -7.78 8.50
N THR A 84 2.98 -7.07 8.79
CA THR A 84 2.71 -6.62 10.15
C THR A 84 1.62 -7.49 10.76
N TYR A 85 1.83 -7.92 12.00
CA TYR A 85 0.85 -8.77 12.68
C TYR A 85 0.19 -8.06 13.87
N TYR A 86 -1.13 -8.01 13.83
CA TYR A 86 -1.91 -7.39 14.90
C TYR A 86 -2.65 -8.44 15.73
N CYS A 87 -2.69 -8.23 17.04
CA CYS A 87 -3.54 -9.04 17.90
C CYS A 87 -4.82 -8.26 18.22
N GLN A 88 -5.89 -8.99 18.50
CA GLN A 88 -7.19 -8.36 18.74
C GLN A 88 -7.97 -9.03 19.86
N GLN A 89 -8.65 -8.23 20.67
CA GLN A 89 -9.42 -8.72 21.79
C GLN A 89 -10.89 -8.32 21.64
N TRP A 90 -11.79 -9.19 22.09
CA TRP A 90 -13.21 -8.85 22.09
C TRP A 90 -13.92 -9.43 23.32
N THR A 91 -13.24 -9.37 24.46
CA THR A 91 -13.81 -9.86 25.70
C THR A 91 -14.67 -8.78 26.36
N SER A 92 -14.20 -7.54 26.27
CA SER A 92 -14.96 -6.39 26.75
C SER A 92 -15.07 -5.34 25.65
N ASN A 93 -16.10 -4.50 25.74
CA ASN A 93 -16.31 -3.44 24.76
C ASN A 93 -15.58 -2.16 25.14
N PRO A 94 -14.97 -1.49 24.15
CA PRO A 94 -14.96 -1.88 22.73
C PRO A 94 -13.86 -2.88 22.42
N PRO A 95 -13.95 -3.57 21.27
CA PRO A 95 -12.85 -4.42 20.83
C PRO A 95 -11.64 -3.58 20.45
N THR A 96 -10.45 -4.03 20.82
CA THR A 96 -9.23 -3.26 20.56
C THR A 96 -8.17 -4.09 19.85
N PHE A 97 -7.24 -3.39 19.20
CA PHE A 97 -6.14 -4.03 18.49
C PHE A 97 -4.81 -3.70 19.14
N GLY A 98 -3.81 -4.54 18.89
CA GLY A 98 -2.46 -4.27 19.34
C GLY A 98 -1.78 -3.26 18.44
N GLY A 99 -0.57 -2.84 18.82
CA GLY A 99 0.17 -1.88 18.02
C GLY A 99 0.76 -2.52 16.78
N GLY A 100 0.94 -3.84 16.83
CA GLY A 100 1.44 -4.58 15.69
C GLY A 100 2.91 -4.92 15.79
N THR A 101 3.26 -6.11 15.33
CA THR A 101 4.65 -6.53 15.20
C THR A 101 5.00 -6.66 13.72
N LYS A 102 6.04 -5.97 13.29
CA LYS A 102 6.44 -6.00 11.89
C LYS A 102 7.55 -7.01 11.67
N LEU A 103 7.36 -7.90 10.70
CA LEU A 103 8.34 -8.94 10.42
C LEU A 103 9.11 -8.65 9.14
N GLU A 104 10.43 -8.55 9.26
CA GLU A 104 11.30 -8.34 8.12
C GLU A 104 12.09 -9.61 7.83
N ILE A 105 12.38 -9.86 6.57
CA ILE A 105 13.13 -11.06 6.18
C ILE A 105 14.58 -10.73 5.85
N LYS A 106 15.50 -11.55 6.38
CA LYS A 106 16.91 -11.45 6.07
C LYS A 106 17.23 -12.30 4.84
N ARG A 107 18.14 -11.80 4.00
CA ARG A 107 18.56 -12.55 2.83
C ARG A 107 19.96 -12.12 2.40
N THR A 108 20.47 -12.74 1.35
CA THR A 108 21.80 -12.44 0.85
C THR A 108 21.83 -11.10 0.14
N VAL A 109 23.03 -10.57 -0.09
CA VAL A 109 23.21 -9.31 -0.79
C VAL A 109 22.83 -9.47 -2.26
N ALA A 110 22.00 -8.54 -2.75
CA ALA A 110 21.64 -8.51 -4.16
C ALA A 110 21.82 -7.09 -4.71
N ALA A 111 22.62 -6.97 -5.76
CA ALA A 111 22.83 -5.68 -6.40
C ALA A 111 21.57 -5.28 -7.18
N PRO A 112 21.34 -3.96 -7.31
CA PRO A 112 20.18 -3.52 -8.08
C PRO A 112 20.41 -3.56 -9.59
N SER A 113 19.36 -3.91 -10.32
CA SER A 113 19.38 -3.73 -11.77
C SER A 113 18.90 -2.31 -12.02
N VAL A 114 19.68 -1.55 -12.77
CA VAL A 114 19.38 -0.14 -12.97
C VAL A 114 18.84 0.16 -14.36
N PHE A 115 17.83 1.01 -14.43
CA PHE A 115 17.23 1.42 -15.69
C PHE A 115 16.99 2.93 -15.66
N ILE A 116 17.02 3.56 -16.84
CA ILE A 116 16.74 4.99 -16.93
C ILE A 116 15.73 5.29 -18.04
N PHE A 117 14.82 6.22 -17.75
CA PHE A 117 13.76 6.57 -18.69
C PHE A 117 13.75 8.06 -18.98
N PRO A 118 13.91 8.44 -20.25
CA PRO A 118 13.84 9.84 -20.66
C PRO A 118 12.39 10.34 -20.55
N PRO A 119 12.19 11.66 -20.64
CA PRO A 119 10.82 12.19 -20.62
C PRO A 119 10.01 11.68 -21.81
N SER A 120 8.74 11.36 -21.58
CA SER A 120 7.84 11.02 -22.66
C SER A 120 7.62 12.26 -23.52
N ASP A 121 7.31 12.06 -24.81
CA ASP A 121 7.08 13.18 -25.70
C ASP A 121 5.85 13.99 -25.28
N GLU A 122 4.89 13.29 -24.67
CA GLU A 122 3.67 13.94 -24.20
C GLU A 122 3.96 14.94 -23.08
N GLN A 123 4.71 14.50 -22.07
CA GLN A 123 5.05 15.36 -20.96
C GLN A 123 5.88 16.56 -21.41
N LEU A 124 6.84 16.31 -22.29
CA LEU A 124 7.72 17.35 -22.80
C LEU A 124 6.93 18.46 -23.48
N LYS A 125 5.87 18.09 -24.18
CA LYS A 125 5.02 19.07 -24.84
C LYS A 125 4.30 19.99 -23.86
N SER A 126 4.09 19.50 -22.64
CA SER A 126 3.42 20.29 -21.62
C SER A 126 4.38 21.22 -20.89
N GLY A 127 5.66 21.17 -21.24
CA GLY A 127 6.64 22.09 -20.70
C GLY A 127 7.41 21.57 -19.50
N THR A 128 7.37 20.27 -19.28
CA THR A 128 8.05 19.66 -18.14
C THR A 128 8.80 18.40 -18.57
N ALA A 129 9.92 18.13 -17.93
CA ALA A 129 10.70 16.94 -18.23
C ALA A 129 11.05 16.17 -16.96
N SER A 130 10.44 14.99 -16.81
CA SER A 130 10.77 14.11 -15.69
C SER A 130 11.63 12.95 -16.17
N VAL A 131 12.80 12.80 -15.58
CA VAL A 131 13.68 11.68 -15.87
C VAL A 131 13.63 10.70 -14.70
N VAL A 132 13.40 9.43 -15.01
CA VAL A 132 13.23 8.42 -13.98
C VAL A 132 14.37 7.40 -13.96
N CYS A 133 14.93 7.18 -12.78
CA CYS A 133 15.92 6.13 -12.57
C CYS A 133 15.32 5.01 -11.73
N LEU A 134 15.46 3.77 -12.19
CA LEU A 134 14.85 2.62 -11.52
C LEU A 134 15.89 1.65 -10.98
N LEU A 135 15.77 1.33 -9.70
CA LEU A 135 16.62 0.33 -9.06
C LEU A 135 15.75 -0.86 -8.68
N ASN A 136 15.98 -1.99 -9.34
CA ASN A 136 15.11 -3.16 -9.17
C ASN A 136 15.72 -4.27 -8.31
N ASN A 137 14.93 -4.73 -7.34
CA ASN A 137 15.21 -5.96 -6.61
C ASN A 137 16.60 -6.05 -6.00
N PHE A 138 16.89 -5.18 -5.05
CA PHE A 138 18.18 -5.19 -4.37
C PHE A 138 18.04 -5.42 -2.88
N TYR A 139 19.15 -5.76 -2.24
CA TYR A 139 19.18 -5.98 -0.79
C TYR A 139 20.62 -5.81 -0.30
N PRO A 140 20.81 -5.11 0.82
CA PRO A 140 19.80 -4.53 1.71
C PRO A 140 19.12 -3.27 1.18
N ARG A 141 18.19 -2.74 1.97
CA ARG A 141 17.38 -1.59 1.59
CA ARG A 141 17.39 -1.59 1.60
C ARG A 141 18.21 -0.37 1.24
N GLU A 142 19.30 -0.16 1.98
CA GLU A 142 20.15 1.02 1.80
C GLU A 142 20.70 1.15 0.39
N ALA A 143 20.50 2.31 -0.22
CA ALA A 143 20.98 2.57 -1.58
C ALA A 143 21.08 4.08 -1.81
N LYS A 144 22.07 4.48 -2.60
CA LYS A 144 22.29 5.89 -2.88
C LYS A 144 22.24 6.17 -4.38
N VAL A 145 21.37 7.09 -4.76
CA VAL A 145 21.25 7.52 -6.15
C VAL A 145 21.67 8.96 -6.30
N GLN A 146 22.65 9.21 -7.15
CA GLN A 146 23.05 10.58 -7.47
C GLN A 146 22.75 10.90 -8.93
N TRP A 147 22.09 12.04 -9.15
CA TRP A 147 21.82 12.51 -10.49
C TRP A 147 22.94 13.41 -10.99
N LYS A 148 23.50 13.08 -12.14
CA LYS A 148 24.51 13.91 -12.77
C LYS A 148 24.06 14.37 -14.15
N VAL A 149 24.03 15.68 -14.34
CA VAL A 149 23.65 16.26 -15.63
C VAL A 149 24.86 16.93 -16.27
N ASP A 150 25.33 16.35 -17.36
CA ASP A 150 26.61 16.72 -17.97
C ASP A 150 27.73 16.66 -16.93
N ASN A 151 27.72 15.56 -16.18
CA ASN A 151 28.70 15.29 -15.14
C ASN A 151 28.69 16.28 -13.97
N ALA A 152 27.60 17.05 -13.87
CA ALA A 152 27.42 17.97 -12.75
C ALA A 152 26.40 17.40 -11.77
N LEU A 153 26.83 17.18 -10.54
CA LEU A 153 25.96 16.62 -9.49
C LEU A 153 24.75 17.52 -9.19
N GLN A 154 23.57 16.92 -9.22
CA GLN A 154 22.33 17.67 -9.04
C GLN A 154 21.90 17.68 -7.57
N SER A 155 21.20 18.74 -7.19
CA SER A 155 20.68 18.87 -5.85
C SER A 155 19.35 19.63 -5.86
N GLY A 156 18.37 19.08 -5.15
CA GLY A 156 17.10 19.77 -4.96
C GLY A 156 16.05 19.52 -6.02
N ASN A 157 16.41 18.83 -7.10
CA ASN A 157 15.47 18.61 -8.19
C ASN A 157 15.06 17.15 -8.41
N SER A 158 15.22 16.31 -7.39
CA SER A 158 14.84 14.91 -7.49
C SER A 158 14.10 14.44 -6.26
N GLN A 159 13.24 13.44 -6.44
CA GLN A 159 12.53 12.81 -5.34
C GLN A 159 12.56 11.29 -5.52
N GLU A 160 12.75 10.56 -4.42
CA GLU A 160 12.85 9.11 -4.50
C GLU A 160 11.91 8.38 -3.55
N SER A 161 11.59 7.13 -3.89
CA SER A 161 10.66 6.32 -3.13
C SER A 161 11.08 4.86 -3.16
N VAL A 162 10.92 4.16 -2.04
CA VAL A 162 11.29 2.75 -1.96
C VAL A 162 10.08 1.87 -1.68
N THR A 163 10.07 0.67 -2.27
CA THR A 163 8.98 -0.27 -2.06
C THR A 163 9.06 -0.94 -0.69
N GLU A 164 7.98 -1.59 -0.30
CA GLU A 164 8.01 -2.49 0.85
C GLU A 164 8.77 -3.74 0.41
N GLN A 165 9.09 -4.60 1.38
CA GLN A 165 9.84 -5.81 1.06
C GLN A 165 9.04 -6.77 0.17
N ASP A 166 9.71 -7.29 -0.86
CA ASP A 166 9.07 -8.22 -1.79
C ASP A 166 8.70 -9.53 -1.10
N SER A 167 7.47 -9.99 -1.31
CA SER A 167 6.98 -11.19 -0.64
C SER A 167 7.59 -12.47 -1.20
N LYS A 168 8.24 -12.38 -2.35
CA LYS A 168 8.77 -13.56 -3.03
C LYS A 168 10.29 -13.73 -2.92
N ASP A 169 11.03 -12.63 -3.08
CA ASP A 169 12.49 -12.71 -3.01
C ASP A 169 13.12 -11.81 -1.94
N SER A 170 12.27 -11.22 -1.09
CA SER A 170 12.71 -10.41 0.05
C SER A 170 13.55 -9.19 -0.33
N THR A 171 13.41 -8.72 -1.56
CA THR A 171 14.17 -7.56 -2.01
C THR A 171 13.38 -6.26 -1.91
N TYR A 172 14.05 -5.16 -2.28
CA TYR A 172 13.42 -3.85 -2.33
C TYR A 172 13.66 -3.25 -3.70
N SER A 173 12.80 -2.33 -4.11
CA SER A 173 12.98 -1.59 -5.35
C SER A 173 12.85 -0.11 -5.06
N LEU A 174 13.52 0.70 -5.87
CA LEU A 174 13.53 2.14 -5.67
C LEU A 174 13.40 2.88 -6.99
N SER A 175 12.68 4.00 -6.98
CA SER A 175 12.60 4.86 -8.14
C SER A 175 12.97 6.27 -7.75
N SER A 176 13.83 6.90 -8.53
CA SER A 176 14.19 8.30 -8.34
C SER A 176 13.76 9.11 -9.56
N THR A 177 13.08 10.22 -9.34
CA THR A 177 12.59 11.03 -10.44
C THR A 177 13.24 12.41 -10.44
N LEU A 178 13.97 12.71 -11.51
CA LEU A 178 14.56 14.03 -11.70
C LEU A 178 13.62 14.87 -12.56
N THR A 179 13.25 16.04 -12.06
CA THR A 179 12.31 16.89 -12.80
C THR A 179 12.85 18.29 -13.08
N LEU A 180 12.92 18.63 -14.36
CA LEU A 180 13.34 19.95 -14.79
C LEU A 180 12.26 20.56 -15.66
N SER A 181 12.33 21.88 -15.86
CA SER A 181 11.47 22.54 -16.83
C SER A 181 11.95 22.15 -18.23
N LYS A 182 11.07 22.23 -19.21
CA LYS A 182 11.43 21.89 -20.58
C LYS A 182 12.57 22.78 -21.06
N ALA A 183 12.54 24.05 -20.64
CA ALA A 183 13.55 25.02 -21.02
C ALA A 183 14.93 24.64 -20.50
N ASP A 184 14.99 24.26 -19.23
CA ASP A 184 16.24 23.84 -18.60
CA ASP A 184 16.24 23.86 -18.60
C ASP A 184 16.69 22.50 -19.16
N TYR A 185 15.73 21.61 -19.38
CA TYR A 185 16.03 20.26 -19.86
C TYR A 185 16.83 20.25 -21.16
N GLU A 186 16.45 21.11 -22.10
CA GLU A 186 17.16 21.18 -23.37
C GLU A 186 18.31 22.18 -23.36
N LYS A 187 18.81 22.49 -22.17
CA LYS A 187 20.03 23.29 -22.03
C LYS A 187 21.21 22.37 -21.72
N HIS A 188 20.95 21.08 -21.63
CA HIS A 188 21.98 20.09 -21.31
C HIS A 188 21.86 18.88 -22.24
N LYS A 189 22.89 18.04 -22.24
CA LYS A 189 22.94 16.89 -23.12
C LYS A 189 22.84 15.56 -22.38
N VAL A 190 23.82 15.29 -21.52
CA VAL A 190 23.89 14.01 -20.82
C VAL A 190 23.10 13.98 -19.51
N TYR A 191 22.19 13.02 -19.39
CA TYR A 191 21.42 12.82 -18.16
C TYR A 191 21.68 11.44 -17.59
N ALA A 192 22.25 11.41 -16.38
CA ALA A 192 22.71 10.16 -15.79
C ALA A 192 22.32 10.04 -14.33
N CYS A 193 22.00 8.83 -13.89
CA CYS A 193 21.89 8.55 -12.46
C CYS A 193 22.97 7.56 -12.05
N GLU A 194 23.70 7.90 -10.99
CA GLU A 194 24.78 7.05 -10.51
C GLU A 194 24.33 6.28 -9.27
N VAL A 195 24.46 4.97 -9.32
CA VAL A 195 23.96 4.11 -8.26
C VAL A 195 25.07 3.45 -7.45
N THR A 196 25.04 3.67 -6.14
CA THR A 196 25.93 2.96 -5.22
C THR A 196 25.12 2.05 -4.31
N HIS A 197 25.57 0.82 -4.15
CA HIS A 197 24.90 -0.16 -3.31
C HIS A 197 25.92 -1.20 -2.85
N GLN A 198 25.64 -1.87 -1.73
CA GLN A 198 26.57 -2.83 -1.15
C GLN A 198 26.94 -3.97 -2.11
N GLY A 199 26.03 -4.29 -3.03
CA GLY A 199 26.28 -5.36 -3.99
C GLY A 199 27.14 -4.93 -5.17
N LEU A 200 27.62 -3.70 -5.14
CA LEU A 200 28.42 -3.16 -6.23
C LEU A 200 29.79 -2.69 -5.73
N SER A 201 30.85 -3.19 -6.37
CA SER A 201 32.21 -2.83 -6.00
C SER A 201 32.53 -1.38 -6.38
N SER A 202 31.86 -0.89 -7.41
CA SER A 202 32.03 0.49 -7.85
C SER A 202 30.69 1.00 -8.39
N PRO A 203 30.46 2.33 -8.30
CA PRO A 203 29.19 2.91 -8.73
C PRO A 203 28.82 2.57 -10.17
N VAL A 204 27.53 2.33 -10.40
CA VAL A 204 27.03 1.99 -11.73
C VAL A 204 26.25 3.18 -12.31
N THR A 205 26.55 3.52 -13.57
CA THR A 205 25.93 4.65 -14.22
C THR A 205 25.05 4.23 -15.41
N LYS A 206 23.81 4.72 -15.42
CA LYS A 206 22.95 4.61 -16.59
C LYS A 206 22.66 6.00 -17.10
N SER A 207 22.87 6.24 -18.39
CA SER A 207 22.73 7.57 -18.95
C SER A 207 22.16 7.56 -20.35
N PHE A 208 21.65 8.71 -20.79
CA PHE A 208 21.24 8.89 -22.17
C PHE A 208 21.60 10.30 -22.64
N ASN A 209 21.72 10.46 -23.96
CA ASN A 209 21.90 11.78 -24.55
C ASN A 209 20.54 12.31 -24.98
N ARG A 210 20.18 13.49 -24.48
CA ARG A 210 18.92 14.11 -24.84
C ARG A 210 18.86 14.39 -26.34
N GLY A 211 17.74 14.08 -26.95
CA GLY A 211 17.53 14.37 -28.36
C GLY A 211 18.29 13.44 -29.28
N GLU A 212 18.87 12.39 -28.72
CA GLU A 212 19.57 11.39 -29.52
C GLU A 212 18.88 10.04 -29.45
N CYS A 213 18.49 9.52 -30.61
CA CYS A 213 17.94 8.18 -30.70
C CYS A 213 18.49 7.47 -31.94
N PCA B 1 -19.22 -16.52 -1.79
CA PCA B 1 -18.17 -15.91 -0.97
CB PCA B 1 -16.89 -15.72 -1.79
CG PCA B 1 -17.31 -15.77 -3.23
CD PCA B 1 -18.69 -16.41 -3.14
OE PCA B 1 -19.27 -16.81 -4.14
C PCA B 1 -18.60 -14.54 -0.47
O PCA B 1 -19.20 -13.76 -1.22
N VAL B 2 -18.32 -14.26 0.79
CA VAL B 2 -18.67 -12.99 1.41
C VAL B 2 -17.77 -11.87 0.91
N GLN B 3 -18.37 -10.83 0.31
CA GLN B 3 -17.61 -9.68 -0.19
C GLN B 3 -18.18 -8.37 0.36
N LEU B 4 -17.30 -7.41 0.61
CA LEU B 4 -17.74 -6.09 1.06
C LEU B 4 -17.28 -4.99 0.11
N GLN B 5 -18.23 -4.36 -0.55
CA GLN B 5 -17.92 -3.37 -1.59
C GLN B 5 -17.79 -1.96 -1.02
N GLN B 6 -16.62 -1.37 -1.21
CA GLN B 6 -16.28 -0.10 -0.58
C GLN B 6 -15.60 0.84 -1.56
N PRO B 7 -16.09 2.09 -1.64
CA PRO B 7 -15.50 3.07 -2.54
C PRO B 7 -14.05 3.43 -2.18
N GLY B 8 -13.27 3.84 -3.18
CA GLY B 8 -11.85 4.06 -3.01
C GLY B 8 -11.46 5.18 -2.05
N ALA B 9 -11.87 6.40 -2.37
CA ALA B 9 -11.41 7.57 -1.61
C ALA B 9 -12.37 8.75 -1.63
N GLU B 10 -12.24 9.62 -0.64
CA GLU B 10 -13.06 10.82 -0.52
C GLU B 10 -12.21 11.99 -0.04
N LEU B 11 -12.17 13.08 -0.82
CA LEU B 11 -11.60 14.32 -0.33
C LEU B 11 -12.68 15.14 0.36
N VAL B 12 -12.43 15.52 1.60
CA VAL B 12 -13.43 16.22 2.41
C VAL B 12 -12.86 17.50 3.02
N LYS B 13 -13.54 18.61 2.78
CA LYS B 13 -13.16 19.89 3.34
C LYS B 13 -13.33 19.90 4.85
N PRO B 14 -12.44 20.60 5.57
CA PRO B 14 -12.54 20.70 7.02
C PRO B 14 -13.85 21.35 7.47
N GLY B 15 -14.57 20.68 8.35
CA GLY B 15 -15.82 21.21 8.86
C GLY B 15 -17.04 20.61 8.19
N ALA B 16 -16.83 20.00 7.03
CA ALA B 16 -17.92 19.37 6.29
C ALA B 16 -18.18 17.96 6.80
N SER B 17 -19.00 17.21 6.06
CA SER B 17 -19.34 15.85 6.45
C SER B 17 -19.18 14.89 5.27
N VAL B 18 -19.02 13.60 5.57
CA VAL B 18 -18.85 12.59 4.53
C VAL B 18 -19.67 11.33 4.84
N LYS B 19 -20.23 10.72 3.80
CA LYS B 19 -21.00 9.50 3.96
C LYS B 19 -20.51 8.43 2.99
N MET B 20 -19.89 7.39 3.54
CA MET B 20 -19.31 6.33 2.71
C MET B 20 -20.12 5.03 2.79
N SER B 21 -20.15 4.28 1.69
CA SER B 21 -21.02 3.11 1.59
C SER B 21 -20.26 1.78 1.72
N CYS B 22 -21.02 0.73 2.01
CA CYS B 22 -20.46 -0.61 2.14
C CYS B 22 -21.49 -1.63 1.64
N LYS B 23 -21.34 -2.05 0.38
CA LYS B 23 -22.29 -2.97 -0.23
C LYS B 23 -21.89 -4.42 0.02
N ALA B 24 -22.73 -5.15 0.76
CA ALA B 24 -22.43 -6.53 1.14
C ALA B 24 -22.93 -7.55 0.12
N SER B 25 -22.20 -8.66 0.00
CA SER B 25 -22.52 -9.69 -0.97
C SER B 25 -22.14 -11.08 -0.47
N GLY B 26 -22.80 -12.10 -1.01
CA GLY B 26 -22.44 -13.47 -0.72
C GLY B 26 -22.99 -14.03 0.58
N TYR B 27 -23.71 -13.20 1.33
CA TYR B 27 -24.31 -13.65 2.58
C TYR B 27 -25.60 -12.87 2.87
N THR B 28 -26.45 -13.42 3.72
CA THR B 28 -27.68 -12.74 4.12
C THR B 28 -27.36 -11.48 4.91
N PHE B 29 -27.59 -10.33 4.30
CA PHE B 29 -27.21 -9.03 4.83
C PHE B 29 -27.69 -8.78 6.26
N THR B 30 -28.98 -9.01 6.49
CA THR B 30 -29.62 -8.62 7.75
C THR B 30 -29.37 -9.61 8.90
N SER B 31 -28.68 -10.70 8.62
CA SER B 31 -28.47 -11.74 9.63
C SER B 31 -27.19 -11.56 10.45
N TYR B 32 -26.37 -10.57 10.09
CA TYR B 32 -25.12 -10.33 10.80
C TYR B 32 -24.84 -8.84 10.95
N ASN B 33 -24.21 -8.46 12.06
CA ASN B 33 -23.81 -7.09 12.29
C ASN B 33 -22.77 -6.61 11.28
N MET B 34 -22.71 -5.30 11.07
CA MET B 34 -21.67 -4.70 10.25
C MET B 34 -20.82 -3.77 11.10
N HIS B 35 -19.50 -3.90 11.00
CA HIS B 35 -18.59 -3.12 11.82
C HIS B 35 -17.79 -2.14 10.99
N TRP B 36 -17.31 -1.08 11.65
CA TRP B 36 -16.51 -0.06 10.98
C TRP B 36 -15.23 0.19 11.76
N VAL B 37 -14.10 0.13 11.07
CA VAL B 37 -12.80 0.25 11.72
C VAL B 37 -11.95 1.34 11.06
N LYS B 38 -11.26 2.11 11.89
CA LYS B 38 -10.42 3.20 11.41
C LYS B 38 -8.93 2.85 11.55
N GLN B 39 -8.14 3.15 10.53
CA GLN B 39 -6.70 2.91 10.60
C GLN B 39 -5.87 4.15 10.25
N THR B 40 -4.96 4.49 11.16
CA THR B 40 -3.99 5.56 10.93
C THR B 40 -2.62 5.03 11.33
N PRO B 41 -1.54 5.61 10.77
CA PRO B 41 -0.21 5.18 11.19
C PRO B 41 0.06 5.54 12.66
N GLY B 42 -0.66 6.54 13.17
CA GLY B 42 -0.48 6.98 14.54
C GLY B 42 -1.23 6.14 15.55
N ARG B 43 -2.55 6.09 15.42
CA ARG B 43 -3.39 5.39 16.38
C ARG B 43 -3.62 3.91 16.04
N GLY B 44 -3.16 3.49 14.87
CA GLY B 44 -3.30 2.11 14.45
C GLY B 44 -4.74 1.74 14.11
N LEU B 45 -5.14 0.54 14.49
CA LEU B 45 -6.49 0.04 14.20
C LEU B 45 -7.46 0.31 15.34
N GLU B 46 -8.57 0.98 15.03
CA GLU B 46 -9.56 1.36 16.03
C GLU B 46 -10.99 1.03 15.60
N TRP B 47 -11.70 0.28 16.43
CA TRP B 47 -13.09 -0.05 16.17
C TRP B 47 -13.98 1.16 16.45
N ILE B 48 -14.85 1.48 15.51
CA ILE B 48 -15.69 2.68 15.60
C ILE B 48 -17.07 2.38 16.16
N GLY B 49 -17.77 1.44 15.54
CA GLY B 49 -19.11 1.09 15.95
C GLY B 49 -19.69 -0.02 15.10
N ALA B 50 -20.93 -0.39 15.39
CA ALA B 50 -21.59 -1.47 14.65
C ALA B 50 -23.08 -1.21 14.48
N ILE B 51 -23.60 -1.62 13.33
CA ILE B 51 -25.03 -1.54 13.05
C ILE B 51 -25.60 -2.93 12.79
N TYR B 52 -26.79 -3.19 13.30
CA TYR B 52 -27.52 -4.39 12.96
C TYR B 52 -28.53 -4.10 11.86
N PRO B 53 -28.25 -4.58 10.63
CA PRO B 53 -29.15 -4.39 9.49
C PRO B 53 -30.45 -5.18 9.64
N GLY B 54 -30.54 -6.02 10.67
CA GLY B 54 -31.73 -6.77 10.96
C GLY B 54 -32.88 -5.87 11.37
N ASN B 55 -32.58 -4.81 12.12
CA ASN B 55 -33.60 -3.88 12.57
C ASN B 55 -33.06 -2.50 12.94
N GLY B 56 -31.90 -2.16 12.40
CA GLY B 56 -31.35 -0.82 12.51
C GLY B 56 -30.79 -0.45 13.88
N ASP B 57 -30.43 -1.43 14.68
CA ASP B 57 -29.84 -1.15 15.99
C ASP B 57 -28.34 -0.87 15.90
N THR B 58 -27.88 0.14 16.64
CA THR B 58 -26.48 0.56 16.59
C THR B 58 -25.80 0.57 17.96
N SER B 59 -24.47 0.53 17.91
CA SER B 59 -23.63 0.63 19.10
C SER B 59 -22.32 1.29 18.69
N TYR B 60 -21.80 2.17 19.55
CA TYR B 60 -20.64 2.96 19.19
C TYR B 60 -19.51 2.87 20.20
N ASN B 61 -18.29 3.08 19.73
CA ASN B 61 -17.16 3.33 20.61
C ASN B 61 -17.39 4.72 21.19
N GLN B 62 -16.90 4.96 22.40
CA GLN B 62 -17.12 6.22 23.08
C GLN B 62 -16.63 7.43 22.27
N LYS B 63 -15.47 7.27 21.65
CA LYS B 63 -14.82 8.38 20.97
C LYS B 63 -15.57 8.83 19.71
N PHE B 64 -16.16 7.89 19.01
CA PHE B 64 -16.80 8.18 17.72
C PHE B 64 -18.31 8.33 17.83
N LYS B 65 -18.80 8.57 19.04
CA LYS B 65 -20.24 8.71 19.27
C LYS B 65 -20.79 9.99 18.65
N GLY B 66 -19.91 10.95 18.41
CA GLY B 66 -20.31 12.20 17.77
C GLY B 66 -19.98 12.20 16.28
N LYS B 67 -18.87 11.55 15.93
CA LYS B 67 -18.40 11.50 14.55
C LYS B 67 -19.25 10.61 13.66
N ALA B 68 -19.48 9.38 14.10
CA ALA B 68 -20.06 8.36 13.24
C ALA B 68 -21.58 8.24 13.35
N THR B 69 -22.22 8.04 12.20
CA THR B 69 -23.64 7.74 12.15
C THR B 69 -23.83 6.53 11.23
N LEU B 70 -24.31 5.45 11.82
CA LEU B 70 -24.41 4.19 11.09
C LEU B 70 -25.83 3.92 10.60
N THR B 71 -25.96 3.68 9.29
CA THR B 71 -27.24 3.30 8.70
C THR B 71 -27.06 2.05 7.86
N ALA B 72 -28.18 1.48 7.41
CA ALA B 72 -28.15 0.27 6.59
C ALA B 72 -29.38 0.19 5.72
N ASP B 73 -29.19 0.14 4.41
CA ASP B 73 -30.29 -0.02 3.48
C ASP B 73 -30.68 -1.50 3.43
N LYS B 74 -31.70 -1.83 4.20
CA LYS B 74 -32.17 -3.20 4.35
C LYS B 74 -32.46 -3.86 3.00
N SER B 75 -32.84 -3.04 2.03
CA SER B 75 -33.22 -3.52 0.72
C SER B 75 -32.04 -3.60 -0.26
N SER B 76 -31.11 -2.66 -0.14
CA SER B 76 -29.97 -2.58 -1.06
C SER B 76 -28.77 -3.41 -0.61
N SER B 77 -28.88 -3.98 0.58
CA SER B 77 -27.78 -4.71 1.22
C SER B 77 -26.53 -3.85 1.32
N THR B 78 -26.74 -2.56 1.54
CA THR B 78 -25.66 -1.60 1.63
C THR B 78 -25.68 -0.87 2.96
N ALA B 79 -24.54 -0.86 3.65
CA ALA B 79 -24.41 -0.15 4.91
C ALA B 79 -23.65 1.16 4.69
N TYR B 80 -24.03 2.19 5.44
CA TYR B 80 -23.39 3.49 5.31
C TYR B 80 -22.84 3.96 6.64
N MET B 81 -21.67 4.60 6.61
CA MET B 81 -21.16 5.31 7.77
C MET B 81 -20.98 6.78 7.44
N GLN B 82 -21.62 7.63 8.24
CA GLN B 82 -21.50 9.07 8.04
C GLN B 82 -20.63 9.70 9.11
N LEU B 83 -19.58 10.39 8.67
CA LEU B 83 -18.75 11.18 9.57
C LEU B 83 -19.09 12.66 9.37
N SER B 84 -19.01 13.44 10.44
CA SER B 84 -19.41 14.84 10.40
C SER B 84 -18.39 15.78 11.04
N SER B 85 -18.38 17.03 10.58
CA SER B 85 -17.47 18.06 11.10
C SER B 85 -16.02 17.60 11.02
N LEU B 86 -15.64 17.13 9.84
CA LEU B 86 -14.33 16.50 9.66
C LEU B 86 -13.16 17.41 9.96
N THR B 87 -12.20 16.88 10.71
CA THR B 87 -10.95 17.56 11.01
C THR B 87 -9.80 16.69 10.56
N SER B 88 -8.58 17.22 10.64
CA SER B 88 -7.38 16.50 10.19
C SER B 88 -7.21 15.14 10.87
N GLU B 89 -7.84 14.98 12.04
CA GLU B 89 -7.76 13.73 12.79
C GLU B 89 -8.58 12.64 12.09
N ASP B 90 -9.52 13.05 11.25
CA ASP B 90 -10.40 12.11 10.58
C ASP B 90 -9.81 11.57 9.28
N SER B 91 -8.59 12.00 8.96
CA SER B 91 -7.89 11.48 7.80
C SER B 91 -7.38 10.08 8.08
N ALA B 92 -7.97 9.09 7.41
CA ALA B 92 -7.65 7.69 7.67
C ALA B 92 -8.21 6.76 6.60
N VAL B 93 -7.86 5.49 6.72
CA VAL B 93 -8.52 4.44 5.95
C VAL B 93 -9.65 3.88 6.79
N TYR B 94 -10.84 3.84 6.23
CA TYR B 94 -12.00 3.32 6.96
C TYR B 94 -12.49 2.01 6.38
N TYR B 95 -12.46 0.97 7.22
CA TYR B 95 -12.87 -0.36 6.81
C TYR B 95 -14.26 -0.71 7.33
N CYS B 96 -15.08 -1.30 6.48
CA CYS B 96 -16.27 -1.99 6.95
C CYS B 96 -15.89 -3.46 7.09
N ALA B 97 -16.37 -4.12 8.14
CA ALA B 97 -15.95 -5.48 8.41
C ALA B 97 -17.05 -6.38 8.95
N ARG B 98 -17.08 -7.62 8.45
CA ARG B 98 -17.98 -8.65 8.96
C ARG B 98 -17.31 -9.38 10.10
N SER B 99 -18.10 -9.86 11.05
CA SER B 99 -17.57 -10.63 12.16
C SER B 99 -18.17 -12.04 12.17
N THR B 100 -17.54 -12.96 12.89
CA THR B 100 -18.06 -14.32 13.01
C THR B 100 -17.82 -14.89 14.41
N TYR B 101 -18.63 -15.88 14.76
CA TYR B 101 -18.70 -16.40 16.12
C TYR B 101 -17.94 -17.73 16.25
N TYR B 102 -17.09 -17.83 17.27
CA TYR B 102 -16.39 -19.08 17.55
C TYR B 102 -15.88 -19.11 18.98
N GLY B 103 -16.13 -20.20 19.69
CA GLY B 103 -15.70 -20.37 21.06
C GLY B 103 -16.32 -19.38 22.01
N GLY B 104 -17.48 -18.85 21.62
CA GLY B 104 -18.17 -17.86 22.42
C GLY B 104 -17.73 -16.44 22.16
N ASP B 105 -16.68 -16.27 21.35
CA ASP B 105 -16.13 -14.94 21.10
C ASP B 105 -16.32 -14.53 19.64
N TRP B 106 -15.92 -13.31 19.32
CA TRP B 106 -16.06 -12.77 17.97
C TRP B 106 -14.74 -12.28 17.40
N TYR B 107 -14.63 -12.30 16.08
CA TYR B 107 -13.49 -11.70 15.39
C TYR B 107 -13.88 -11.30 13.97
N PHE B 108 -13.18 -10.29 13.45
CA PHE B 108 -13.45 -9.78 12.11
C PHE B 108 -12.85 -10.72 11.06
N ASN B 109 -13.70 -11.44 10.34
CA ASN B 109 -13.21 -12.42 9.37
C ASN B 109 -13.19 -11.91 7.93
N VAL B 110 -14.07 -10.96 7.61
CA VAL B 110 -14.12 -10.40 6.26
C VAL B 110 -14.06 -8.87 6.29
N TRP B 111 -13.14 -8.31 5.52
CA TRP B 111 -12.92 -6.87 5.49
C TRP B 111 -13.17 -6.31 4.10
N GLY B 112 -13.62 -5.06 4.04
CA GLY B 112 -13.67 -4.33 2.78
C GLY B 112 -12.27 -3.85 2.43
N ALA B 113 -12.13 -3.28 1.24
CA ALA B 113 -10.83 -2.78 0.80
C ALA B 113 -10.46 -1.48 1.51
N GLY B 114 -11.46 -0.77 2.01
CA GLY B 114 -11.23 0.45 2.76
C GLY B 114 -11.44 1.71 1.95
N THR B 115 -11.90 2.77 2.61
CA THR B 115 -12.04 4.08 1.98
C THR B 115 -11.04 5.06 2.57
N THR B 116 -10.15 5.58 1.73
CA THR B 116 -9.14 6.53 2.19
C THR B 116 -9.69 7.95 2.20
N VAL B 117 -9.89 8.49 3.39
CA VAL B 117 -10.43 9.83 3.54
C VAL B 117 -9.32 10.85 3.81
N THR B 118 -9.30 11.91 3.02
CA THR B 118 -8.36 13.00 3.23
C THR B 118 -9.10 14.29 3.60
N VAL B 119 -8.80 14.81 4.78
CA VAL B 119 -9.39 16.07 5.23
C VAL B 119 -8.51 17.25 4.87
N SER B 120 -8.89 17.98 3.83
CA SER B 120 -8.08 19.07 3.31
C SER B 120 -8.94 20.13 2.61
N ALA B 121 -8.51 21.38 2.70
CA ALA B 121 -9.18 22.48 2.00
C ALA B 121 -8.67 22.58 0.56
N ALA B 122 -7.56 21.90 0.29
CA ALA B 122 -6.94 21.93 -1.02
C ALA B 122 -7.84 21.26 -2.06
N SER B 123 -7.69 21.68 -3.32
CA SER B 123 -8.52 21.19 -4.40
C SER B 123 -8.03 19.85 -4.90
N THR B 124 -8.93 19.05 -5.48
CA THR B 124 -8.55 17.80 -6.12
CA THR B 124 -8.49 17.81 -6.08
C THR B 124 -7.76 18.13 -7.38
N LYS B 125 -6.84 17.25 -7.75
CA LYS B 125 -6.09 17.42 -8.97
C LYS B 125 -5.95 16.05 -9.61
N GLY B 126 -6.42 15.93 -10.85
CA GLY B 126 -6.26 14.71 -11.60
C GLY B 126 -4.84 14.62 -12.11
N PRO B 127 -4.24 13.41 -12.04
CA PRO B 127 -2.87 13.24 -12.51
C PRO B 127 -2.80 13.15 -14.03
N SER B 128 -1.62 13.47 -14.58
CA SER B 128 -1.33 13.16 -15.96
C SER B 128 -0.56 11.84 -15.99
N VAL B 129 -0.95 10.93 -16.87
CA VAL B 129 -0.29 9.64 -16.95
C VAL B 129 0.65 9.54 -18.14
N PHE B 130 1.94 9.48 -17.86
CA PHE B 130 2.96 9.42 -18.90
C PHE B 130 3.58 8.03 -18.94
N PRO B 131 3.90 7.53 -20.15
CA PRO B 131 4.52 6.22 -20.30
C PRO B 131 6.02 6.25 -19.99
N LEU B 132 6.51 5.18 -19.37
CA LEU B 132 7.94 4.97 -19.21
C LEU B 132 8.34 3.89 -20.20
N ALA B 133 8.75 4.31 -21.40
CA ALA B 133 8.92 3.40 -22.53
C ALA B 133 10.18 2.56 -22.46
N PRO B 134 10.07 1.26 -22.83
CA PRO B 134 11.21 0.34 -22.86
C PRO B 134 12.23 0.72 -23.94
N SER B 135 13.50 0.76 -23.55
CA SER B 135 14.57 1.14 -24.47
C SER B 135 15.70 0.12 -24.43
N SER B 136 16.87 0.52 -24.91
CA SER B 136 18.08 -0.27 -24.79
C SER B 136 18.76 0.09 -23.48
N LYS B 137 18.47 1.29 -23.00
CA LYS B 137 18.91 1.74 -21.68
C LYS B 137 17.90 1.34 -20.62
N SER B 138 17.07 0.37 -21.00
CA SER B 138 16.04 -0.16 -20.14
C SER B 138 16.04 -1.70 -20.34
N THR B 139 17.23 -2.28 -20.56
CA THR B 139 17.37 -3.71 -20.96
C THR B 139 18.40 -4.53 -20.16
N SER B 140 17.93 -5.60 -19.52
CA SER B 140 18.74 -6.34 -18.58
C SER B 140 18.58 -7.87 -18.69
N GLY B 141 19.55 -8.52 -19.34
CA GLY B 141 19.63 -9.97 -19.34
C GLY B 141 18.46 -10.66 -20.01
N GLY B 142 17.98 -10.04 -21.09
CA GLY B 142 16.85 -10.54 -21.85
C GLY B 142 15.52 -10.00 -21.40
N THR B 143 15.53 -9.10 -20.41
CA THR B 143 14.30 -8.49 -19.94
C THR B 143 14.33 -6.98 -20.16
N ALA B 144 13.14 -6.40 -20.31
CA ALA B 144 13.01 -4.96 -20.48
C ALA B 144 12.09 -4.38 -19.41
N ALA B 145 12.43 -3.18 -18.94
CA ALA B 145 11.61 -2.51 -17.95
C ALA B 145 10.77 -1.43 -18.62
N LEU B 146 9.53 -1.31 -18.17
CA LEU B 146 8.64 -0.27 -18.66
C LEU B 146 7.65 0.11 -17.57
N GLY B 147 6.94 1.20 -17.76
CA GLY B 147 6.00 1.64 -16.74
C GLY B 147 5.19 2.87 -17.06
N CYS B 148 4.64 3.48 -16.01
CA CYS B 148 3.83 4.68 -16.15
C CYS B 148 4.15 5.64 -15.02
N LEU B 149 4.26 6.91 -15.38
CA LEU B 149 4.49 7.97 -14.40
C LEU B 149 3.17 8.67 -14.12
N VAL B 150 2.61 8.39 -12.94
CA VAL B 150 1.38 9.04 -12.52
C VAL B 150 1.75 10.35 -11.83
N LYS B 151 1.60 11.45 -12.56
CA LYS B 151 2.23 12.73 -12.21
C LYS B 151 1.26 13.81 -11.73
N ASP B 152 1.56 14.38 -10.57
CA ASP B 152 0.85 15.55 -10.04
C ASP B 152 -0.63 15.33 -9.77
N TYR B 153 -0.94 14.69 -8.65
CA TYR B 153 -2.32 14.52 -8.23
C TYR B 153 -2.54 14.85 -6.76
N PHE B 154 -3.79 15.03 -6.38
CA PHE B 154 -4.17 15.25 -4.99
C PHE B 154 -5.64 14.92 -4.81
N PRO B 155 -5.98 14.21 -3.71
CA PRO B 155 -5.01 13.70 -2.75
C PRO B 155 -4.69 12.24 -3.05
N GLU B 156 -4.16 11.52 -2.06
CA GLU B 156 -3.98 10.09 -2.18
C GLU B 156 -5.33 9.40 -2.04
N PRO B 157 -5.45 8.16 -2.54
CA PRO B 157 -4.42 7.37 -3.23
C PRO B 157 -4.67 7.22 -4.72
N VAL B 158 -3.64 6.73 -5.41
CA VAL B 158 -3.76 6.27 -6.78
C VAL B 158 -3.52 4.77 -6.78
N THR B 159 -4.41 4.03 -7.43
CA THR B 159 -4.21 2.60 -7.60
C THR B 159 -3.81 2.32 -9.04
N VAL B 160 -2.84 1.44 -9.22
CA VAL B 160 -2.37 1.08 -10.56
C VAL B 160 -2.38 -0.42 -10.74
N SER B 161 -2.96 -0.87 -11.84
CA SER B 161 -2.85 -2.28 -12.22
C SER B 161 -2.28 -2.36 -13.63
N TRP B 162 -1.94 -3.58 -14.06
CA TRP B 162 -1.43 -3.78 -15.40
C TRP B 162 -2.25 -4.80 -16.16
N ASN B 163 -2.65 -4.44 -17.38
CA ASN B 163 -3.50 -5.27 -18.21
C ASN B 163 -4.75 -5.74 -17.47
N SER B 164 -5.45 -4.78 -16.86
CA SER B 164 -6.69 -5.02 -16.13
C SER B 164 -6.54 -6.02 -14.99
N GLY B 165 -5.31 -6.18 -14.50
CA GLY B 165 -5.04 -7.02 -13.36
C GLY B 165 -4.49 -8.39 -13.71
N ALA B 166 -4.29 -8.63 -15.01
CA ALA B 166 -3.81 -9.91 -15.48
C ALA B 166 -2.28 -10.01 -15.40
N LEU B 167 -1.62 -8.87 -15.22
CA LEU B 167 -0.17 -8.83 -15.11
C LEU B 167 0.25 -8.31 -13.75
N THR B 168 0.74 -9.20 -12.89
CA THR B 168 1.14 -8.83 -11.55
C THR B 168 2.62 -9.13 -11.26
N SER B 169 3.16 -10.14 -11.92
CA SER B 169 4.55 -10.53 -11.71
C SER B 169 5.53 -9.46 -12.16
N GLY B 170 6.47 -9.12 -11.29
CA GLY B 170 7.52 -8.16 -11.61
C GLY B 170 7.02 -6.72 -11.57
N VAL B 171 5.84 -6.52 -10.99
CA VAL B 171 5.26 -5.19 -10.92
C VAL B 171 5.66 -4.48 -9.63
N HIS B 172 6.21 -3.28 -9.77
CA HIS B 172 6.55 -2.44 -8.63
C HIS B 172 5.82 -1.11 -8.71
N THR B 173 4.80 -0.94 -7.88
CA THR B 173 4.13 0.34 -7.74
C THR B 173 4.63 1.06 -6.50
N PHE B 174 5.45 2.07 -6.72
CA PHE B 174 6.12 2.77 -5.63
C PHE B 174 5.17 3.63 -4.81
N PRO B 175 5.45 3.77 -3.51
CA PRO B 175 4.72 4.72 -2.67
C PRO B 175 4.84 6.12 -3.26
N ALA B 176 3.76 6.89 -3.20
CA ALA B 176 3.77 8.25 -3.73
C ALA B 176 4.77 9.13 -2.99
N VAL B 177 5.37 10.07 -3.72
CA VAL B 177 6.21 11.08 -3.10
C VAL B 177 5.42 12.38 -2.98
N LEU B 178 5.62 13.09 -1.88
CA LEU B 178 4.96 14.38 -1.66
C LEU B 178 5.78 15.50 -2.28
N GLN B 179 5.16 16.29 -3.14
CA GLN B 179 5.87 17.39 -3.78
C GLN B 179 5.72 18.70 -3.01
N SER B 180 6.61 19.65 -3.28
CA SER B 180 6.61 20.94 -2.58
C SER B 180 5.29 21.69 -2.72
N SER B 181 4.58 21.47 -3.82
CA SER B 181 3.31 22.12 -4.07
C SER B 181 2.17 21.50 -3.26
N GLY B 182 2.45 20.36 -2.62
CA GLY B 182 1.43 19.66 -1.87
C GLY B 182 0.83 18.53 -2.69
N LEU B 183 1.16 18.52 -3.99
CA LEU B 183 0.71 17.46 -4.89
C LEU B 183 1.53 16.20 -4.70
N TYR B 184 1.00 15.08 -5.20
CA TYR B 184 1.72 13.81 -5.13
C TYR B 184 2.06 13.32 -6.53
N SER B 185 3.14 12.53 -6.61
CA SER B 185 3.46 11.81 -7.84
C SER B 185 3.81 10.38 -7.51
N LEU B 186 3.56 9.50 -8.47
CA LEU B 186 3.76 8.07 -8.27
C LEU B 186 4.21 7.45 -9.58
N SER B 187 4.94 6.34 -9.50
CA SER B 187 5.32 5.60 -10.69
C SER B 187 5.13 4.11 -10.46
N SER B 188 4.75 3.40 -11.51
CA SER B 188 4.60 1.96 -11.47
C SER B 188 5.38 1.35 -12.61
N VAL B 189 6.21 0.37 -12.30
CA VAL B 189 7.06 -0.26 -13.31
C VAL B 189 6.83 -1.76 -13.36
N VAL B 190 7.28 -2.38 -14.45
CA VAL B 190 7.21 -3.82 -14.58
C VAL B 190 8.25 -4.30 -15.59
N THR B 191 8.91 -5.42 -15.29
CA THR B 191 9.86 -6.00 -16.22
C THR B 191 9.22 -7.14 -17.00
N VAL B 192 9.44 -7.13 -18.30
CA VAL B 192 8.79 -8.07 -19.20
C VAL B 192 9.86 -8.73 -20.06
N PRO B 193 9.51 -9.84 -20.73
CA PRO B 193 10.46 -10.42 -21.71
C PRO B 193 10.69 -9.45 -22.86
N SER B 194 11.94 -9.21 -23.21
CA SER B 194 12.23 -8.30 -24.32
C SER B 194 12.00 -8.98 -25.67
N SER B 195 11.77 -10.28 -25.66
CA SER B 195 11.60 -11.04 -26.90
C SER B 195 10.18 -11.00 -27.44
N SER B 196 9.20 -10.80 -26.56
CA SER B 196 7.80 -10.78 -26.95
C SER B 196 7.26 -9.35 -26.99
N LEU B 197 8.18 -8.39 -27.02
CA LEU B 197 7.85 -6.98 -26.94
C LEU B 197 7.02 -6.49 -28.12
N GLY B 198 7.08 -7.22 -29.24
CA GLY B 198 6.34 -6.85 -30.43
C GLY B 198 4.98 -7.54 -30.56
N THR B 199 4.71 -8.50 -29.68
CA THR B 199 3.43 -9.23 -29.72
C THR B 199 2.59 -8.99 -28.46
N GLN B 200 3.23 -8.56 -27.38
CA GLN B 200 2.51 -8.32 -26.13
C GLN B 200 2.22 -6.84 -25.97
N THR B 201 1.06 -6.55 -25.40
CA THR B 201 0.65 -5.18 -25.15
C THR B 201 0.58 -4.91 -23.66
N TYR B 202 1.34 -3.92 -23.19
CA TYR B 202 1.39 -3.61 -21.77
C TYR B 202 0.71 -2.28 -21.47
N ILE B 203 -0.45 -2.35 -20.83
CA ILE B 203 -1.23 -1.16 -20.49
C ILE B 203 -1.33 -1.02 -18.98
N CYS B 204 -1.01 0.17 -18.49
CA CYS B 204 -1.22 0.47 -17.08
C CYS B 204 -2.60 1.09 -16.90
N ASN B 205 -3.32 0.64 -15.87
CA ASN B 205 -4.63 1.17 -15.56
C ASN B 205 -4.56 2.04 -14.32
N VAL B 206 -4.66 3.36 -14.52
CA VAL B 206 -4.53 4.30 -13.42
C VAL B 206 -5.89 4.79 -12.91
N ASN B 207 -6.08 4.68 -11.61
CA ASN B 207 -7.31 5.11 -10.97
C ASN B 207 -7.07 6.16 -9.89
N HIS B 208 -7.69 7.33 -10.07
CA HIS B 208 -7.67 8.35 -9.02
C HIS B 208 -9.10 8.79 -8.73
N LYS B 209 -9.75 8.01 -7.87
CA LYS B 209 -11.16 8.21 -7.53
C LYS B 209 -11.61 9.64 -7.15
N PRO B 210 -10.85 10.34 -6.28
CA PRO B 210 -11.32 11.69 -5.92
C PRO B 210 -11.36 12.69 -7.06
N SER B 211 -10.71 12.40 -8.19
CA SER B 211 -10.79 13.27 -9.35
C SER B 211 -11.45 12.57 -10.53
N ASN B 212 -12.09 11.44 -10.26
CA ASN B 212 -12.78 10.64 -11.27
C ASN B 212 -11.88 10.22 -12.44
N THR B 213 -10.59 10.06 -12.16
CA THR B 213 -9.62 9.65 -13.18
C THR B 213 -9.58 8.14 -13.36
N LYS B 214 -9.86 7.69 -14.58
CA LYS B 214 -9.78 6.28 -14.95
C LYS B 214 -9.09 6.22 -16.31
N VAL B 215 -7.79 5.95 -16.29
CA VAL B 215 -6.98 6.10 -17.50
C VAL B 215 -6.17 4.85 -17.85
N ASP B 216 -6.22 4.46 -19.12
CA ASP B 216 -5.37 3.40 -19.64
C ASP B 216 -4.29 3.99 -20.53
N LYS B 217 -3.04 3.76 -20.19
CA LYS B 217 -1.94 4.23 -21.02
C LYS B 217 -1.12 3.05 -21.53
N LYS B 218 -0.96 2.97 -22.84
CA LYS B 218 -0.13 1.94 -23.43
C LYS B 218 1.32 2.39 -23.39
N VAL B 219 2.19 1.53 -22.87
CA VAL B 219 3.61 1.84 -22.84
C VAL B 219 4.37 0.91 -23.79
N GLU B 220 4.92 1.50 -24.85
CA GLU B 220 5.48 0.74 -25.95
C GLU B 220 6.87 1.25 -26.36
N PRO B 221 7.71 0.36 -26.93
CA PRO B 221 9.04 0.78 -27.37
C PRO B 221 8.98 1.79 -28.51
#